data_2XJY
#
_entry.id   2XJY
#
_cell.length_a   25.140
_cell.length_b   54.360
_cell.length_c   61.800
_cell.angle_alpha   90.00
_cell.angle_beta   95.45
_cell.angle_gamma   90.00
#
_symmetry.space_group_name_H-M   'P 1 21 1'
#
loop_
_entity.id
_entity.type
_entity.pdbx_description
1 polymer RHOMBOTIN-2
2 polymer 'LIM DOMAIN-BINDING PROTEIN 1'
3 non-polymer 'ZINC ION'
4 water water
#
loop_
_entity_poly.entity_id
_entity_poly.type
_entity_poly.pdbx_seq_one_letter_code
_entity_poly.pdbx_strand_id
1 'polypeptide(L)'
;SLLTCGGCQQNIGDRYFLKAIDQYWHEDCLSCDLCGCRLGEVGRRLYYKLGRKLCRRDYLRLFGQDGLCASCDKRIRAYE
MTMRVKDKVYHLECFKCAACQKHFCVGDRYLLINSDIVCEQDIYEWTKING
;
A
2 'polypeptide(L)' VPDVMVVGEPTLMGGEFGDEDERLITRLENTQFDA B
#
loop_
_chem_comp.id
_chem_comp.type
_chem_comp.name
_chem_comp.formula
ZN non-polymer 'ZINC ION' 'Zn 2'
#
# COMPACT_ATOMS: atom_id res chain seq x y z
N SER A 1 28.18 -6.92 26.64
CA SER A 1 28.05 -8.24 25.99
C SER A 1 26.58 -8.60 25.70
N LEU A 2 25.70 -8.44 26.71
CA LEU A 2 24.27 -8.74 26.63
C LEU A 2 23.53 -7.56 26.01
N LEU A 3 22.51 -7.83 25.18
CA LEU A 3 21.75 -6.79 24.49
C LEU A 3 20.29 -6.69 24.93
N THR A 4 19.77 -5.45 24.99
CA THR A 4 18.40 -5.15 25.42
C THR A 4 17.46 -4.83 24.27
N CYS A 5 16.27 -5.46 24.29
CA CYS A 5 15.21 -5.25 23.32
C CYS A 5 14.54 -3.90 23.56
N GLY A 6 14.31 -3.15 22.48
CA GLY A 6 13.69 -1.83 22.54
C GLY A 6 12.17 -1.81 22.42
N GLY A 7 11.55 -2.99 22.55
CA GLY A 7 10.10 -3.14 22.45
C GLY A 7 9.44 -3.84 23.61
N CYS A 8 10.22 -4.64 24.37
CA CYS A 8 9.73 -5.40 25.53
C CYS A 8 10.57 -5.12 26.78
N GLN A 9 11.74 -4.47 26.60
CA GLN A 9 12.69 -4.11 27.66
C GLN A 9 13.35 -5.30 28.38
N GLN A 10 13.27 -6.51 27.76
CA GLN A 10 13.87 -7.75 28.28
C GLN A 10 15.15 -8.11 27.50
N ASN A 11 16.09 -8.80 28.18
CA ASN A 11 17.37 -9.23 27.60
C ASN A 11 17.17 -10.30 26.54
N ILE A 12 17.89 -10.16 25.41
CA ILE A 12 17.83 -11.11 24.29
C ILE A 12 18.71 -12.33 24.58
N GLY A 13 18.06 -13.48 24.71
CA GLY A 13 18.70 -14.76 24.95
C GLY A 13 18.46 -15.76 23.84
N ASP A 14 17.69 -15.35 22.81
CA ASP A 14 17.33 -16.17 21.65
C ASP A 14 18.52 -16.42 20.71
N ARG A 15 18.33 -17.32 19.73
CA ARG A 15 19.31 -17.69 18.71
C ARG A 15 19.48 -16.56 17.69
N TYR A 16 18.37 -16.11 17.07
CA TYR A 16 18.35 -15.05 16.06
C TYR A 16 17.58 -13.82 16.51
N PHE A 17 18.21 -12.64 16.37
CA PHE A 17 17.66 -11.32 16.73
C PHE A 17 17.90 -10.31 15.59
N LEU A 18 17.36 -9.08 15.73
CA LEU A 18 17.45 -8.03 14.70
C LEU A 18 18.14 -6.75 15.18
N LYS A 19 18.49 -5.86 14.21
CA LYS A 19 19.10 -4.56 14.47
C LYS A 19 18.44 -3.53 13.55
N ALA A 20 17.63 -2.62 14.15
CA ALA A 20 16.91 -1.56 13.46
C ALA A 20 16.73 -0.38 14.38
N ILE A 21 16.65 0.84 13.81
CA ILE A 21 16.48 2.13 14.52
C ILE A 21 17.45 2.28 15.71
N ASP A 22 18.76 2.06 15.44
CA ASP A 22 19.86 2.11 16.41
C ASP A 22 19.60 1.24 17.66
N GLN A 23 18.82 0.14 17.48
CA GLN A 23 18.42 -0.76 18.56
C GLN A 23 18.42 -2.23 18.19
N TYR A 24 18.37 -3.10 19.20
CA TYR A 24 18.30 -4.55 19.06
C TYR A 24 16.88 -4.98 19.39
N TRP A 25 16.35 -5.97 18.65
CA TRP A 25 14.97 -6.42 18.83
C TRP A 25 14.84 -7.93 18.79
N HIS A 26 13.92 -8.47 19.61
CA HIS A 26 13.53 -9.88 19.55
C HIS A 26 12.74 -9.92 18.24
N GLU A 27 12.90 -10.98 17.42
CA GLU A 27 12.25 -11.14 16.11
C GLU A 27 10.77 -10.73 16.05
N ASP A 28 10.06 -10.82 17.20
CA ASP A 28 8.64 -10.50 17.30
C ASP A 28 8.32 -9.07 17.78
N CYS A 29 9.24 -8.44 18.53
CA CYS A 29 9.04 -7.09 19.08
C CYS A 29 9.13 -5.92 18.08
N LEU A 30 9.69 -6.15 16.89
CA LEU A 30 9.79 -5.12 15.87
C LEU A 30 8.47 -5.11 15.06
N SER A 31 7.48 -4.38 15.59
CA SER A 31 6.15 -4.26 15.00
C SER A 31 5.70 -2.80 14.75
N CYS A 32 4.67 -2.62 13.91
CA CYS A 32 4.09 -1.29 13.61
C CYS A 32 3.37 -0.80 14.89
N ASP A 33 3.52 0.49 15.21
CA ASP A 33 2.90 1.09 16.41
C ASP A 33 1.37 1.23 16.31
N LEU A 34 0.81 1.21 15.07
CA LEU A 34 -0.62 1.38 14.85
C LEU A 34 -1.42 0.10 14.66
N CYS A 35 -0.91 -0.85 13.85
CA CYS A 35 -1.61 -2.09 13.57
C CYS A 35 -1.08 -3.27 14.36
N GLY A 36 0.22 -3.27 14.62
CA GLY A 36 0.87 -4.33 15.39
C GLY A 36 1.48 -5.43 14.56
N CYS A 37 1.54 -5.26 13.22
CA CYS A 37 2.13 -6.27 12.34
C CYS A 37 3.63 -6.32 12.47
N ARG A 38 4.20 -7.54 12.42
CA ARG A 38 5.64 -7.79 12.49
C ARG A 38 6.29 -7.33 11.20
N LEU A 39 7.38 -6.55 11.31
CA LEU A 39 8.09 -5.98 10.15
C LEU A 39 9.31 -6.74 9.61
N GLY A 40 9.80 -7.73 10.36
CA GLY A 40 10.97 -8.52 9.99
C GLY A 40 10.85 -9.38 8.73
N GLU A 41 9.65 -9.87 8.40
CA GLU A 41 9.42 -10.77 7.26
C GLU A 41 8.30 -10.35 6.28
N VAL A 42 8.10 -11.15 5.22
CA VAL A 42 7.06 -10.85 4.23
C VAL A 42 7.45 -9.69 3.32
N GLY A 43 8.75 -9.40 3.26
CA GLY A 43 9.28 -8.28 2.49
C GLY A 43 8.60 -6.99 2.87
N ARG A 44 8.32 -6.82 4.18
CA ARG A 44 7.67 -5.66 4.79
C ARG A 44 8.72 -4.64 5.19
N ARG A 45 8.69 -3.47 4.54
CA ARG A 45 9.63 -2.37 4.79
C ARG A 45 9.37 -1.71 6.13
N LEU A 46 10.43 -1.13 6.75
CA LEU A 46 10.32 -0.39 8.02
C LEU A 46 10.42 1.11 7.75
N TYR A 47 9.45 1.87 8.27
CA TYR A 47 9.45 3.33 8.16
C TYR A 47 9.56 3.99 9.52
N TYR A 48 10.37 5.05 9.61
CA TYR A 48 10.55 5.82 10.85
C TYR A 48 10.43 7.30 10.58
N LYS A 49 9.58 7.98 11.37
CA LYS A 49 9.36 9.42 11.34
C LYS A 49 8.65 9.87 12.62
N LEU A 50 9.24 10.89 13.29
CA LEU A 50 8.74 11.50 14.53
C LEU A 50 8.40 10.49 15.64
N GLY A 51 9.37 9.65 15.98
CA GLY A 51 9.23 8.65 17.04
C GLY A 51 8.43 7.40 16.74
N ARG A 52 7.74 7.34 15.59
CA ARG A 52 6.94 6.18 15.23
C ARG A 52 7.63 5.23 14.26
N LYS A 53 7.56 3.92 14.57
CA LYS A 53 8.03 2.85 13.72
C LYS A 53 6.77 2.29 13.04
N LEU A 54 6.69 2.46 11.72
CA LEU A 54 5.48 2.14 10.97
C LEU A 54 5.71 1.25 9.74
N CYS A 55 4.65 0.53 9.33
CA CYS A 55 4.62 -0.27 8.10
C CYS A 55 4.37 0.72 6.95
N ARG A 56 4.43 0.26 5.68
CA ARG A 56 4.18 1.14 4.51
C ARG A 56 2.80 1.77 4.58
N ARG A 57 1.75 0.98 4.89
CA ARG A 57 0.37 1.44 4.96
C ARG A 57 0.18 2.55 6.00
N ASP A 58 0.56 2.29 7.26
CA ASP A 58 0.41 3.27 8.33
C ASP A 58 1.31 4.51 8.23
N TYR A 59 2.42 4.42 7.48
CA TYR A 59 3.31 5.54 7.21
C TYR A 59 2.59 6.52 6.24
N LEU A 60 2.01 5.98 5.15
CA LEU A 60 1.28 6.76 4.14
C LEU A 60 0.00 7.40 4.72
N ARG A 61 -0.60 6.73 5.72
CA ARG A 61 -1.77 7.18 6.48
C ARG A 61 -1.44 8.48 7.24
N LEU A 62 -0.27 8.51 7.88
CA LEU A 62 0.22 9.61 8.70
C LEU A 62 0.99 10.69 7.94
N PHE A 63 1.66 10.32 6.81
CA PHE A 63 2.54 11.24 6.09
C PHE A 63 2.39 11.34 4.57
N GLY A 64 1.54 10.52 3.96
CA GLY A 64 1.36 10.51 2.52
C GLY A 64 0.41 11.57 1.97
N GLN A 65 0.62 11.93 0.69
CA GLN A 65 -0.18 12.89 -0.07
C GLN A 65 -1.48 12.25 -0.56
N ASP A 66 -2.62 12.97 -0.38
CA ASP A 66 -3.95 12.53 -0.80
C ASP A 66 -4.30 12.95 -2.24
N GLY A 67 -5.08 12.10 -2.92
CA GLY A 67 -5.54 12.33 -4.28
C GLY A 67 -7.03 12.59 -4.36
N LEU A 68 -7.53 12.97 -5.56
CA LEU A 68 -8.95 13.25 -5.81
C LEU A 68 -9.55 12.25 -6.80
N CYS A 69 -10.72 11.69 -6.45
CA CYS A 69 -11.44 10.72 -7.28
C CYS A 69 -12.15 11.39 -8.46
N ALA A 70 -12.03 10.79 -9.66
CA ALA A 70 -12.64 11.28 -10.90
C ALA A 70 -14.15 11.00 -10.99
N SER A 71 -14.65 9.99 -10.24
CA SER A 71 -16.07 9.63 -10.19
C SER A 71 -16.88 10.35 -9.10
N CYS A 72 -16.50 10.19 -7.81
CA CYS A 72 -17.24 10.78 -6.68
C CYS A 72 -16.82 12.19 -6.25
N ASP A 73 -15.75 12.74 -6.85
CA ASP A 73 -15.18 14.06 -6.54
C ASP A 73 -14.75 14.19 -5.05
N LYS A 74 -14.52 13.05 -4.38
CA LYS A 74 -14.10 12.97 -2.98
C LYS A 74 -12.64 12.51 -2.85
N ARG A 75 -11.96 13.00 -1.81
CA ARG A 75 -10.54 12.70 -1.54
C ARG A 75 -10.24 11.22 -1.30
N ILE A 76 -9.15 10.73 -1.90
CA ILE A 76 -8.66 9.37 -1.72
C ILE A 76 -7.44 9.47 -0.81
N ARG A 77 -7.44 8.69 0.28
CA ARG A 77 -6.37 8.66 1.27
C ARG A 77 -5.17 7.89 0.72
N ALA A 78 -3.94 8.38 1.02
CA ALA A 78 -2.66 7.83 0.53
C ALA A 78 -2.44 6.33 0.71
N TYR A 79 -3.05 5.72 1.72
CA TYR A 79 -2.91 4.28 2.00
C TYR A 79 -3.92 3.42 1.22
N GLU A 80 -5.03 4.03 0.76
CA GLU A 80 -6.11 3.36 0.01
C GLU A 80 -5.65 2.85 -1.35
N MET A 81 -6.19 1.67 -1.76
CA MET A 81 -5.94 1.06 -3.07
C MET A 81 -6.78 1.80 -4.11
N THR A 82 -6.22 1.97 -5.33
CA THR A 82 -6.88 2.70 -6.41
C THR A 82 -6.70 2.04 -7.76
N MET A 83 -7.56 2.46 -8.71
CA MET A 83 -7.51 2.08 -10.10
C MET A 83 -7.15 3.36 -10.85
N ARG A 84 -6.05 3.31 -11.61
CA ARG A 84 -5.52 4.43 -12.37
C ARG A 84 -5.74 4.23 -13.88
N VAL A 85 -6.47 5.18 -14.51
CA VAL A 85 -6.77 5.21 -15.93
C VAL A 85 -6.14 6.50 -16.43
N LYS A 86 -5.00 6.40 -17.15
CA LYS A 86 -4.22 7.54 -17.68
C LYS A 86 -3.79 8.47 -16.52
N ASP A 87 -4.31 9.72 -16.47
CA ASP A 87 -4.00 10.67 -15.40
C ASP A 87 -5.16 10.79 -14.39
N LYS A 88 -6.19 9.95 -14.54
CA LYS A 88 -7.36 9.89 -13.67
C LYS A 88 -7.17 8.79 -12.63
N VAL A 89 -7.64 9.01 -11.41
CA VAL A 89 -7.53 8.06 -10.31
C VAL A 89 -8.90 7.89 -9.63
N TYR A 90 -9.27 6.63 -9.32
CA TYR A 90 -10.57 6.27 -8.75
C TYR A 90 -10.44 5.44 -7.49
N HIS A 91 -11.40 5.58 -6.56
CA HIS A 91 -11.50 4.73 -5.37
C HIS A 91 -11.85 3.37 -5.97
N LEU A 92 -11.48 2.27 -5.29
CA LEU A 92 -11.77 0.93 -5.78
C LEU A 92 -13.26 0.69 -6.05
N GLU A 93 -14.13 1.14 -5.13
CA GLU A 93 -15.58 1.01 -5.28
C GLU A 93 -16.20 1.90 -6.37
N CYS A 94 -15.54 3.03 -6.72
CA CYS A 94 -16.03 3.94 -7.76
C CYS A 94 -15.60 3.48 -9.19
N PHE A 95 -14.75 2.43 -9.30
CA PHE A 95 -14.28 1.93 -10.61
C PHE A 95 -15.29 0.95 -11.24
N LYS A 96 -16.36 1.52 -11.80
CA LYS A 96 -17.47 0.78 -12.39
C LYS A 96 -18.03 1.41 -13.68
N CYS A 97 -18.75 0.62 -14.47
CA CYS A 97 -19.31 1.07 -15.74
C CYS A 97 -20.36 2.15 -15.50
N ALA A 98 -20.19 3.32 -16.13
CA ALA A 98 -21.10 4.47 -15.98
C ALA A 98 -22.50 4.15 -16.52
N ALA A 99 -22.61 3.10 -17.34
CA ALA A 99 -23.87 2.64 -17.92
C ALA A 99 -24.60 1.57 -17.07
N CYS A 100 -24.01 0.37 -16.94
CA CYS A 100 -24.57 -0.80 -16.26
C CYS A 100 -24.27 -0.89 -14.77
N GLN A 101 -23.28 -0.11 -14.29
CA GLN A 101 -22.84 -0.03 -12.88
C GLN A 101 -22.07 -1.28 -12.41
N LYS A 102 -21.62 -2.10 -13.36
CA LYS A 102 -20.85 -3.33 -13.13
C LYS A 102 -19.45 -3.00 -12.60
N HIS A 103 -19.03 -3.69 -11.53
CA HIS A 103 -17.67 -3.52 -10.98
C HIS A 103 -16.73 -4.35 -11.83
N PHE A 104 -15.53 -3.83 -12.09
CA PHE A 104 -14.52 -4.45 -12.94
C PHE A 104 -13.52 -5.36 -12.23
N CYS A 105 -12.99 -6.33 -12.99
CA CYS A 105 -11.99 -7.33 -12.57
C CYS A 105 -10.86 -7.38 -13.61
N VAL A 106 -9.65 -7.81 -13.21
CA VAL A 106 -8.46 -7.92 -14.07
C VAL A 106 -8.80 -8.69 -15.35
N GLY A 107 -8.45 -8.12 -16.50
CA GLY A 107 -8.71 -8.71 -17.80
C GLY A 107 -9.92 -8.17 -18.53
N ASP A 108 -10.79 -7.40 -17.82
CA ASP A 108 -12.00 -6.78 -18.38
C ASP A 108 -11.63 -5.66 -19.34
N ARG A 109 -12.39 -5.53 -20.43
CA ARG A 109 -12.21 -4.52 -21.46
C ARG A 109 -13.19 -3.36 -21.30
N TYR A 110 -12.67 -2.12 -21.44
CA TYR A 110 -13.43 -0.87 -21.27
C TYR A 110 -12.87 0.28 -22.13
N LEU A 111 -13.64 1.38 -22.21
CA LEU A 111 -13.29 2.64 -22.88
C LEU A 111 -13.39 3.79 -21.87
N LEU A 112 -12.63 4.87 -22.10
CA LEU A 112 -12.66 6.06 -21.26
C LEU A 112 -13.10 7.26 -22.07
N ILE A 113 -14.30 7.76 -21.76
CA ILE A 113 -14.91 8.94 -22.37
C ILE A 113 -14.98 9.98 -21.24
N ASN A 114 -14.21 11.04 -21.39
CA ASN A 114 -14.13 12.00 -20.33
C ASN A 114 -13.59 11.22 -19.16
N SER A 115 -14.35 11.22 -18.08
CA SER A 115 -13.97 10.53 -16.85
C SER A 115 -14.93 9.35 -16.59
N ASP A 116 -15.78 9.04 -17.62
CA ASP A 116 -16.74 7.95 -17.60
C ASP A 116 -16.13 6.67 -18.14
N ILE A 117 -16.03 5.64 -17.28
CA ILE A 117 -15.55 4.31 -17.65
C ILE A 117 -16.76 3.55 -18.19
N VAL A 118 -16.70 3.12 -19.45
CA VAL A 118 -17.77 2.38 -20.11
C VAL A 118 -17.21 1.03 -20.57
N CYS A 119 -17.85 -0.08 -20.14
CA CYS A 119 -17.46 -1.45 -20.51
C CYS A 119 -17.67 -1.67 -22.01
N GLU A 120 -16.90 -2.61 -22.61
CA GLU A 120 -16.94 -2.94 -24.04
C GLU A 120 -18.34 -3.24 -24.57
N GLN A 121 -19.10 -4.03 -23.81
CA GLN A 121 -20.48 -4.46 -24.04
C GLN A 121 -21.47 -3.28 -24.23
N ASP A 122 -21.25 -2.16 -23.49
CA ASP A 122 -22.11 -0.97 -23.48
C ASP A 122 -21.68 0.21 -24.36
N ILE A 123 -20.55 0.12 -25.06
CA ILE A 123 -20.02 1.18 -25.93
C ILE A 123 -21.03 1.65 -26.98
N TYR A 124 -21.65 0.72 -27.71
CA TYR A 124 -22.57 0.99 -28.80
C TYR A 124 -23.75 1.86 -28.42
N GLU A 125 -24.49 1.48 -27.36
CA GLU A 125 -25.65 2.26 -26.93
C GLU A 125 -25.28 3.54 -26.22
N TRP A 126 -24.07 3.60 -25.60
CA TRP A 126 -23.61 4.82 -24.93
C TRP A 126 -23.31 5.90 -25.97
N THR A 127 -22.67 5.49 -27.10
CA THR A 127 -22.29 6.33 -28.24
C THR A 127 -23.53 6.88 -28.95
N LYS A 128 -24.53 6.04 -29.18
CA LYS A 128 -25.77 6.50 -29.78
C LYS A 128 -26.51 7.50 -28.89
N ILE A 129 -26.54 7.23 -27.59
CA ILE A 129 -27.27 8.07 -26.63
C ILE A 129 -26.51 9.27 -26.06
N ASN A 130 -25.21 9.34 -26.28
CA ASN A 130 -24.39 10.44 -25.75
C ASN A 130 -23.32 11.01 -26.70
N GLY A 131 -22.85 10.19 -27.64
CA GLY A 131 -21.80 10.59 -28.58
C GLY A 131 -20.42 10.11 -28.17
N VAL B 1 -11.27 -0.18 -33.06
CA VAL B 1 -11.22 -0.79 -31.73
C VAL B 1 -9.89 -0.65 -31.01
N PRO B 2 -9.05 0.25 -31.48
CA PRO B 2 -7.73 0.52 -30.92
C PRO B 2 -7.71 1.29 -29.62
N ASP B 3 -8.85 1.97 -29.30
CA ASP B 3 -9.04 2.78 -28.09
C ASP B 3 -9.34 1.96 -26.82
N VAL B 4 -9.71 0.68 -27.01
CA VAL B 4 -10.05 -0.28 -25.95
C VAL B 4 -8.88 -0.52 -24.97
N MET B 5 -9.18 -0.47 -23.66
CA MET B 5 -8.20 -0.72 -22.60
C MET B 5 -8.56 -1.94 -21.76
N VAL B 6 -7.56 -2.49 -21.05
CA VAL B 6 -7.68 -3.70 -20.21
C VAL B 6 -7.46 -3.34 -18.76
N VAL B 7 -8.35 -3.84 -17.88
CA VAL B 7 -8.30 -3.66 -16.42
C VAL B 7 -7.12 -4.51 -15.92
N GLY B 8 -6.24 -3.87 -15.14
CA GLY B 8 -5.08 -4.49 -14.55
C GLY B 8 -5.18 -4.57 -13.04
N GLU B 9 -4.02 -4.60 -12.38
CA GLU B 9 -3.91 -4.71 -10.93
C GLU B 9 -4.08 -3.35 -10.23
N PRO B 10 -4.78 -3.28 -9.06
CA PRO B 10 -4.91 -2.00 -8.35
C PRO B 10 -3.58 -1.48 -7.79
N THR B 11 -3.41 -0.15 -7.72
CA THR B 11 -2.18 0.48 -7.22
C THR B 11 -2.44 1.31 -5.95
N LEU B 12 -1.38 1.54 -5.17
CA LEU B 12 -1.44 2.32 -3.94
C LEU B 12 -1.38 3.81 -4.27
N MET B 13 -2.31 4.61 -3.72
CA MET B 13 -2.44 6.07 -3.92
C MET B 13 -1.09 6.84 -3.82
N GLY B 14 -0.29 6.54 -2.80
CA GLY B 14 1.00 7.19 -2.59
C GLY B 14 2.18 6.27 -2.80
N GLY B 15 2.13 5.47 -3.87
CA GLY B 15 3.14 4.47 -4.24
C GLY B 15 4.56 4.99 -4.41
N GLU B 16 4.64 6.22 -4.92
CA GLU B 16 5.89 6.96 -5.07
C GLU B 16 6.50 7.36 -3.74
N PHE B 17 5.66 7.74 -2.77
CA PHE B 17 6.14 8.27 -1.49
C PHE B 17 6.82 7.30 -0.50
N GLY B 18 7.62 7.88 0.40
CA GLY B 18 8.26 7.16 1.50
C GLY B 18 9.64 6.53 1.45
N ASP B 19 10.40 6.71 0.38
CA ASP B 19 11.75 6.13 0.28
C ASP B 19 12.79 6.65 1.31
N GLU B 20 12.77 7.95 1.55
CA GLU B 20 13.71 8.66 2.44
C GLU B 20 13.55 8.35 3.94
N ASP B 21 12.38 7.85 4.38
CA ASP B 21 12.09 7.51 5.77
C ASP B 21 12.15 6.01 6.06
N GLU B 22 12.58 5.23 5.05
CA GLU B 22 12.77 3.78 5.11
C GLU B 22 14.04 3.50 5.94
N ARG B 23 13.98 2.51 6.84
CA ARG B 23 15.10 2.12 7.70
C ARG B 23 15.41 0.64 7.55
N LEU B 24 16.71 0.29 7.57
CA LEU B 24 17.19 -1.08 7.41
C LEU B 24 16.95 -1.98 8.61
N ILE B 25 16.64 -3.26 8.34
CA ILE B 25 16.46 -4.33 9.34
C ILE B 25 17.61 -5.32 9.12
N THR B 26 18.57 -5.35 10.06
CA THR B 26 19.76 -6.20 10.01
C THR B 26 19.50 -7.53 10.73
N ARG B 27 19.71 -8.65 10.02
CA ARG B 27 19.53 -10.00 10.52
C ARG B 27 20.81 -10.44 11.25
N LEU B 28 20.70 -10.69 12.57
CA LEU B 28 21.87 -11.04 13.40
C LEU B 28 21.77 -12.41 14.08
N GLU B 29 22.93 -12.95 14.51
CA GLU B 29 23.07 -14.23 15.19
C GLU B 29 23.79 -14.04 16.53
N ASN B 30 23.23 -14.62 17.61
CA ASN B 30 23.77 -14.54 18.97
C ASN B 30 25.02 -15.42 19.14
N THR B 31 26.13 -14.81 19.57
CA THR B 31 27.43 -15.44 19.84
C THR B 31 27.32 -16.42 21.01
N GLN B 32 26.87 -15.92 22.18
CA GLN B 32 26.68 -16.72 23.39
C GLN B 32 25.28 -17.35 23.35
N PHE B 33 25.20 -18.63 22.93
CA PHE B 33 23.95 -19.39 22.84
C PHE B 33 24.16 -20.88 23.11
N ASP B 34 23.31 -21.45 23.98
CA ASP B 34 23.30 -22.86 24.40
C ASP B 34 21.93 -23.22 24.99
N ALA B 35 21.58 -24.51 24.97
CA ALA B 35 20.32 -25.00 25.53
C ALA B 35 20.59 -25.95 26.69
ZN ZN C . 11.42 -8.05 22.94
ZN ZN D . 0.82 -0.79 10.40
ZN ZN E . -14.67 7.79 -5.51
ZN ZN F . -21.49 -1.70 -18.60
#